data_7MCM
#
_entry.id   7MCM
#
_cell.length_a   104.130
_cell.length_b   104.130
_cell.length_c   83.750
_cell.angle_alpha   90.000
_cell.angle_beta   90.000
_cell.angle_gamma   120.000
#
_symmetry.space_group_name_H-M   'P 63'
#
loop_
_entity.id
_entity.type
_entity.pdbx_description
1 polymer 'Enoyl-CoA hydratase'
2 non-polymer 1,2-ETHANEDIOL
3 water water
#
_entity_poly.entity_id   1
_entity_poly.type   'polypeptide(L)'
_entity_poly.pdbx_seq_one_letter_code
;GSMVTAPLRIDRAGRVQTWTIDVPDAANAITGSDFIDAFDAAVDAANADTDISVVILTGAGRFFSAGGNVRDMRDRTGVF
GLGPLDQRHGYSSGIQRVPRALQRCEVPVIAAVNGAAIGAGCDLAVMCDLRIAAESAFFAESFVQLGLIPGDGGTWFLPR
AVGWARAAEMTLTGDRVDAATALSWGLVNEVLSDDELLPAAHRLAERIAKNPAPAVRMAKRLLLESRTASLDSTLALAAA
LQPLAHQDPEHHRRVAELTR
;
_entity_poly.pdbx_strand_id   A,B
#
# COMPACT_ATOMS: atom_id res chain seq x y z
N THR A 5 1.31 7.92 28.73
CA THR A 5 2.70 7.67 28.33
C THR A 5 2.77 7.33 26.83
N ALA A 6 3.99 7.34 26.29
CA ALA A 6 4.24 6.98 24.90
C ALA A 6 3.78 5.56 24.60
N PRO A 7 2.83 5.36 23.67
CA PRO A 7 2.27 4.02 23.45
C PRO A 7 3.23 3.01 22.81
N LEU A 8 4.34 3.44 22.20
CA LEU A 8 5.28 2.51 21.57
C LEU A 8 6.69 2.98 21.88
N ARG A 9 7.33 2.32 22.85
CA ARG A 9 8.70 2.68 23.22
C ARG A 9 9.69 2.06 22.24
N ILE A 10 10.65 2.85 21.78
CA ILE A 10 11.61 2.41 20.78
C ILE A 10 13.00 2.46 21.40
N ASP A 11 13.62 1.30 21.55
CA ASP A 11 14.97 1.18 22.09
C ASP A 11 15.86 0.69 20.97
N ARG A 12 17.08 1.22 20.87
CA ARG A 12 18.00 0.77 19.84
C ARG A 12 19.20 0.11 20.50
N ALA A 13 19.62 -1.03 19.94
CA ALA A 13 20.83 -1.74 20.41
C ALA A 13 21.59 -2.24 19.19
N GLY A 14 22.51 -1.43 18.71
CA GLY A 14 23.28 -1.79 17.54
C GLY A 14 22.47 -1.71 16.27
N ARG A 15 22.29 -2.85 15.61
CA ARG A 15 21.50 -2.96 14.40
C ARG A 15 20.08 -3.45 14.68
N VAL A 16 19.71 -3.58 15.95
CA VAL A 16 18.41 -4.10 16.38
C VAL A 16 17.65 -3.02 17.14
N GLN A 17 16.40 -2.79 16.76
CA GLN A 17 15.49 -1.96 17.53
C GLN A 17 14.48 -2.86 18.24
N THR A 18 14.16 -2.52 19.49
CA THR A 18 13.06 -3.16 20.21
C THR A 18 11.92 -2.17 20.34
N TRP A 19 10.73 -2.59 19.94
CA TRP A 19 9.50 -1.81 20.06
C TRP A 19 8.62 -2.43 21.15
N THR A 20 8.30 -1.65 22.18
CA THR A 20 7.49 -2.14 23.30
C THR A 20 6.12 -1.46 23.31
N ILE A 21 5.07 -2.25 23.07
CA ILE A 21 3.71 -1.77 23.21
C ILE A 21 3.45 -1.43 24.66
N ASP A 22 2.98 -0.20 24.92
CA ASP A 22 2.82 0.30 26.29
C ASP A 22 1.54 1.14 26.37
N VAL A 23 0.40 0.46 26.47
CA VAL A 23 -0.90 1.11 26.68
C VAL A 23 -1.45 0.57 27.99
N PRO A 24 -0.96 1.05 29.13
CA PRO A 24 -1.24 0.35 30.40
C PRO A 24 -2.68 0.46 30.85
N ASP A 25 -3.44 1.46 30.40
CA ASP A 25 -4.83 1.57 30.79
C ASP A 25 -5.75 0.72 29.91
N ALA A 26 -5.20 0.00 28.93
CA ALA A 26 -6.02 -0.77 28.01
C ALA A 26 -5.34 -2.08 27.63
N ALA A 27 -4.54 -2.65 28.53
CA ALA A 27 -3.92 -3.96 28.33
C ALA A 27 -3.20 -4.02 26.97
N ASN A 28 -2.47 -2.96 26.66
CA ASN A 28 -1.63 -2.88 25.45
C ASN A 28 -2.46 -2.98 24.16
N ALA A 29 -3.70 -2.48 24.20
CA ALA A 29 -4.50 -2.42 22.98
C ALA A 29 -3.80 -1.59 21.91
N ILE A 30 -3.98 -1.98 20.65
CA ILE A 30 -3.33 -1.33 19.52
C ILE A 30 -4.32 -0.58 18.65
N THR A 31 -5.56 -0.44 19.08
CA THR A 31 -6.58 0.20 18.27
C THR A 31 -6.69 1.70 18.50
N GLY A 32 -5.91 2.26 19.43
CA GLY A 32 -5.96 3.69 19.67
C GLY A 32 -5.18 4.46 18.64
N SER A 33 -5.67 5.66 18.30
CA SER A 33 -5.06 6.41 17.22
C SER A 33 -3.63 6.82 17.56
N ASP A 34 -3.35 7.07 18.85
CA ASP A 34 -1.97 7.38 19.22
C ASP A 34 -1.03 6.24 18.89
N PHE A 35 -1.41 5.01 19.26
CA PHE A 35 -0.55 3.87 18.96
C PHE A 35 -0.38 3.70 17.47
N ILE A 36 -1.49 3.77 16.72
CA ILE A 36 -1.43 3.60 15.28
C ILE A 36 -0.48 4.62 14.66
N ASP A 37 -0.57 5.88 15.09
CA ASP A 37 0.34 6.91 14.59
C ASP A 37 1.80 6.60 14.92
N ALA A 38 2.06 6.16 16.16
CA ALA A 38 3.42 5.82 16.56
C ALA A 38 3.93 4.60 15.79
N PHE A 39 3.06 3.64 15.49
CA PHE A 39 3.49 2.47 14.74
C PHE A 39 3.87 2.84 13.31
N ASP A 40 3.04 3.66 12.65
CA ASP A 40 3.39 4.21 11.34
C ASP A 40 4.78 4.85 11.37
N ALA A 41 5.00 5.73 12.34
CA ALA A 41 6.25 6.46 12.43
C ALA A 41 7.42 5.52 12.65
N ALA A 42 7.23 4.50 13.48
CA ALA A 42 8.31 3.57 13.79
C ALA A 42 8.75 2.82 12.53
N VAL A 43 7.78 2.38 11.74
CA VAL A 43 8.11 1.67 10.51
C VAL A 43 8.90 2.56 9.57
N ASP A 44 8.42 3.79 9.34
CA ASP A 44 9.09 4.69 8.42
C ASP A 44 10.49 5.04 8.90
N ALA A 45 10.66 5.24 10.21
CA ALA A 45 11.98 5.56 10.74
C ALA A 45 12.92 4.38 10.65
N ALA A 46 12.40 3.17 10.86
CA ALA A 46 13.25 1.98 10.72
C ALA A 46 13.64 1.76 9.26
N ASN A 47 12.72 1.97 8.32
CA ASN A 47 13.05 1.85 6.90
C ASN A 47 14.15 2.83 6.52
N ALA A 48 14.09 4.05 7.06
CA ALA A 48 15.01 5.11 6.67
C ALA A 48 16.39 4.93 7.28
N ASP A 49 16.49 4.25 8.42
CA ASP A 49 17.78 4.02 9.07
C ASP A 49 18.29 2.67 8.57
N THR A 50 19.10 2.73 7.51
CA THR A 50 19.64 1.53 6.85
C THR A 50 20.58 0.73 7.74
N ASP A 51 21.01 1.27 8.87
CA ASP A 51 21.79 0.46 9.81
C ASP A 51 20.92 -0.56 10.53
N ILE A 52 19.61 -0.32 10.66
CA ILE A 52 18.71 -1.22 11.36
C ILE A 52 18.42 -2.43 10.47
N SER A 53 18.59 -3.64 11.01
CA SER A 53 18.30 -4.86 10.28
CA SER A 53 18.27 -4.83 10.25
C SER A 53 17.23 -5.73 10.90
N VAL A 54 16.87 -5.51 12.16
CA VAL A 54 15.87 -6.33 12.82
C VAL A 54 15.07 -5.45 13.78
N VAL A 55 13.76 -5.71 13.87
CA VAL A 55 12.88 -5.15 14.89
C VAL A 55 12.34 -6.31 15.73
N ILE A 56 12.42 -6.15 17.06
CA ILE A 56 11.77 -7.02 18.04
C ILE A 56 10.54 -6.27 18.57
N LEU A 57 9.36 -6.85 18.41
CA LEU A 57 8.11 -6.26 18.85
C LEU A 57 7.58 -7.06 20.04
N THR A 58 7.30 -6.36 21.14
CA THR A 58 6.88 -7.02 22.37
C THR A 58 5.97 -6.07 23.15
N GLY A 59 5.41 -6.56 24.24
CA GLY A 59 4.49 -5.78 25.06
C GLY A 59 5.04 -5.54 26.45
N ALA A 60 4.77 -4.36 26.99
CA ALA A 60 5.12 -4.07 28.38
C ALA A 60 4.17 -4.80 29.32
N GLY A 61 4.70 -5.33 30.40
CA GLY A 61 3.86 -5.91 31.44
C GLY A 61 3.39 -7.33 31.10
N ARG A 62 2.18 -7.64 31.57
CA ARG A 62 1.64 -8.99 31.47
C ARG A 62 1.11 -9.33 30.09
N PHE A 63 0.76 -8.33 29.29
CA PHE A 63 0.10 -8.55 28.01
C PHE A 63 1.06 -8.30 26.86
N PHE A 64 0.93 -9.10 25.79
CA PHE A 64 1.50 -8.67 24.53
C PHE A 64 0.62 -7.57 23.94
N SER A 65 -0.64 -7.91 23.64
CA SER A 65 -1.64 -6.92 23.27
C SER A 65 -3.01 -7.54 23.44
N ALA A 66 -3.84 -6.96 24.30
CA ALA A 66 -5.23 -7.42 24.30
C ALA A 66 -5.99 -6.97 23.07
N GLY A 67 -5.33 -6.36 22.09
CA GLY A 67 -6.00 -5.93 20.86
C GLY A 67 -6.78 -4.64 20.96
N GLY A 68 -7.95 -4.68 21.60
CA GLY A 68 -8.81 -3.52 21.76
C GLY A 68 -10.08 -3.65 20.96
N ASN A 69 -10.86 -2.57 20.95
CA ASN A 69 -12.16 -2.54 20.25
C ASN A 69 -12.08 -1.72 18.97
N SER A 93 -9.29 1.04 5.83
CA SER A 93 -9.92 1.04 7.15
C SER A 93 -8.90 1.34 8.25
N GLY A 94 -9.36 1.95 9.35
CA GLY A 94 -8.45 2.41 10.39
C GLY A 94 -7.72 1.27 11.07
N ILE A 95 -8.44 0.19 11.41
CA ILE A 95 -7.85 -1.00 11.97
C ILE A 95 -6.90 -1.69 11.01
N GLN A 96 -6.86 -1.25 9.75
CA GLN A 96 -5.96 -1.79 8.73
C GLN A 96 -4.70 -0.95 8.55
N ARG A 97 -4.55 0.18 9.25
CA ARG A 97 -3.31 0.95 9.11
C ARG A 97 -2.12 0.21 9.69
N VAL A 98 -2.28 -0.43 10.86
CA VAL A 98 -1.17 -1.21 11.42
C VAL A 98 -0.78 -2.38 10.53
N PRO A 99 -1.70 -3.21 10.02
CA PRO A 99 -1.27 -4.23 9.04
C PRO A 99 -0.58 -3.65 7.82
N ARG A 100 -1.06 -2.52 7.29
CA ARG A 100 -0.41 -1.96 6.11
C ARG A 100 0.97 -1.40 6.44
N ALA A 101 1.14 -0.87 7.66
CA ALA A 101 2.47 -0.42 8.08
C ALA A 101 3.45 -1.58 8.09
N LEU A 102 3.04 -2.73 8.61
CA LEU A 102 3.92 -3.89 8.63
C LEU A 102 4.24 -4.39 7.24
N GLN A 103 3.32 -4.24 6.28
CA GLN A 103 3.62 -4.71 4.93
C GLN A 103 4.68 -3.86 4.26
N ARG A 104 4.78 -2.58 4.60
CA ARG A 104 5.83 -1.76 4.01
C ARG A 104 7.09 -1.68 4.87
N CYS A 105 7.12 -2.37 6.01
CA CYS A 105 8.33 -2.44 6.82
C CYS A 105 9.36 -3.31 6.11
N GLU A 106 10.53 -2.74 5.80
CA GLU A 106 11.55 -3.44 5.05
C GLU A 106 12.41 -4.36 5.90
N VAL A 107 12.38 -4.21 7.22
CA VAL A 107 13.27 -5.01 8.07
C VAL A 107 12.47 -6.15 8.66
N PRO A 108 13.09 -7.31 8.91
CA PRO A 108 12.39 -8.41 9.58
C PRO A 108 11.87 -7.99 10.95
N VAL A 109 10.68 -8.50 11.30
CA VAL A 109 10.09 -8.21 12.61
C VAL A 109 9.88 -9.52 13.35
N ILE A 110 10.45 -9.61 14.55
CA ILE A 110 10.29 -10.74 15.46
C ILE A 110 9.29 -10.35 16.54
N ALA A 111 8.18 -11.09 16.63
CA ALA A 111 7.24 -10.90 17.72
C ALA A 111 7.70 -11.72 18.91
N ALA A 112 8.01 -11.04 20.03
CA ALA A 112 8.36 -11.71 21.28
C ALA A 112 7.11 -11.65 22.16
N VAL A 113 6.28 -12.69 22.08
CA VAL A 113 4.95 -12.65 22.67
C VAL A 113 5.07 -13.02 24.14
N ASN A 114 4.97 -12.00 25.01
CA ASN A 114 5.20 -12.14 26.43
C ASN A 114 3.94 -12.47 27.22
N GLY A 115 2.77 -12.44 26.59
CA GLY A 115 1.54 -12.68 27.32
C GLY A 115 0.37 -12.77 26.38
N ALA A 116 -0.82 -12.45 26.87
CA ALA A 116 -2.04 -12.51 26.08
C ALA A 116 -1.88 -11.74 24.78
N ALA A 117 -2.19 -12.40 23.67
CA ALA A 117 -2.25 -11.76 22.36
C ALA A 117 -3.65 -12.08 21.82
N ILE A 118 -4.56 -11.11 21.94
CA ILE A 118 -5.99 -11.33 21.76
C ILE A 118 -6.51 -10.41 20.66
N GLY A 119 -7.34 -10.97 19.78
CA GLY A 119 -8.01 -10.15 18.78
C GLY A 119 -6.99 -9.51 17.86
N ALA A 120 -7.08 -8.18 17.73
CA ALA A 120 -6.11 -7.45 16.91
C ALA A 120 -4.69 -7.70 17.38
N GLY A 121 -4.51 -7.93 18.68
CA GLY A 121 -3.18 -8.23 19.19
C GLY A 121 -2.68 -9.59 18.71
N CYS A 122 -3.59 -10.56 18.60
CA CYS A 122 -3.23 -11.85 18.02
C CYS A 122 -2.81 -11.68 16.57
N ASP A 123 -3.59 -10.93 15.79
CA ASP A 123 -3.30 -10.77 14.37
C ASP A 123 -1.99 -10.02 14.17
N LEU A 124 -1.71 -9.03 15.00
CA LEU A 124 -0.44 -8.32 14.91
C LEU A 124 0.75 -9.28 15.02
N ALA A 125 0.74 -10.13 16.06
CA ALA A 125 1.82 -11.10 16.23
C ALA A 125 1.92 -12.03 15.02
N VAL A 126 0.78 -12.45 14.48
CA VAL A 126 0.74 -13.36 13.34
C VAL A 126 1.24 -12.67 12.08
N MET A 127 1.12 -11.35 11.99
CA MET A 127 1.64 -10.63 10.83
C MET A 127 3.14 -10.41 10.87
N CYS A 128 3.78 -10.60 12.01
CA CYS A 128 5.23 -10.47 12.08
C CYS A 128 5.87 -11.66 11.36
N ASP A 129 7.17 -11.52 11.07
CA ASP A 129 7.85 -12.52 10.26
C ASP A 129 8.09 -13.81 11.05
N LEU A 130 8.44 -13.67 12.33
CA LEU A 130 8.80 -14.78 13.22
C LEU A 130 8.13 -14.54 14.55
N ARG A 131 7.72 -15.61 15.23
CA ARG A 131 7.18 -15.50 16.58
C ARG A 131 7.95 -16.41 17.52
N ILE A 132 8.28 -15.89 18.71
CA ILE A 132 8.67 -16.70 19.85
C ILE A 132 7.83 -16.24 21.02
N ALA A 133 7.71 -17.08 22.04
CA ALA A 133 6.73 -16.84 23.09
C ALA A 133 7.26 -17.19 24.47
N ALA A 134 6.79 -16.44 25.47
CA ALA A 134 6.98 -16.86 26.86
C ALA A 134 6.00 -17.99 27.18
N GLU A 135 6.32 -18.75 28.23
CA GLU A 135 5.44 -19.86 28.59
C GLU A 135 4.06 -19.39 29.03
N SER A 136 3.93 -18.15 29.50
CA SER A 136 2.64 -17.61 29.90
C SER A 136 1.89 -16.94 28.75
N ALA A 137 2.44 -16.97 27.55
CA ALA A 137 1.73 -16.38 26.43
C ALA A 137 0.55 -17.25 26.00
N PHE A 138 -0.41 -16.62 25.34
CA PHE A 138 -1.44 -17.36 24.62
C PHE A 138 -2.01 -16.47 23.53
N PHE A 139 -2.68 -17.11 22.57
CA PHE A 139 -3.22 -16.45 21.40
C PHE A 139 -4.72 -16.75 21.33
N ALA A 140 -5.50 -15.77 20.89
CA ALA A 140 -6.93 -15.96 20.72
C ALA A 140 -7.38 -15.12 19.54
N GLU A 141 -7.81 -15.80 18.48
CA GLU A 141 -8.49 -15.21 17.33
C GLU A 141 -9.96 -15.07 17.71
N SER A 142 -10.19 -14.13 18.63
CA SER A 142 -11.40 -14.05 19.44
C SER A 142 -12.60 -13.42 18.74
N PHE A 143 -12.42 -12.90 17.52
CA PHE A 143 -13.45 -12.07 16.90
C PHE A 143 -14.82 -12.75 16.84
N VAL A 144 -14.85 -14.04 16.45
CA VAL A 144 -16.14 -14.72 16.25
C VAL A 144 -17.00 -14.71 17.51
N GLN A 145 -16.37 -14.75 18.68
CA GLN A 145 -17.11 -14.76 19.93
C GLN A 145 -17.83 -13.44 20.16
N LEU A 146 -17.43 -12.40 19.44
CA LEU A 146 -18.02 -11.08 19.55
C LEU A 146 -18.97 -10.80 18.41
N GLY A 147 -19.28 -11.80 17.59
CA GLY A 147 -20.09 -11.58 16.41
C GLY A 147 -19.36 -10.89 15.28
N LEU A 148 -18.03 -10.94 15.28
CA LEU A 148 -17.21 -10.22 14.31
C LEU A 148 -16.29 -11.18 13.56
N ILE A 149 -15.67 -10.66 12.50
CA ILE A 149 -14.61 -11.39 11.82
C ILE A 149 -13.33 -10.58 12.01
N PRO A 150 -12.14 -11.16 11.74
CA PRO A 150 -10.90 -10.37 11.86
C PRO A 150 -10.84 -9.29 10.79
N GLY A 151 -11.17 -8.06 11.18
CA GLY A 151 -11.25 -7.01 10.18
C GLY A 151 -9.92 -6.47 9.70
N ASP A 152 -8.81 -6.97 10.24
CA ASP A 152 -7.50 -6.42 9.96
C ASP A 152 -6.65 -7.31 9.06
N GLY A 153 -7.23 -8.35 8.46
CA GLY A 153 -6.47 -9.24 7.59
C GLY A 153 -5.90 -10.47 8.28
N GLY A 154 -6.25 -10.71 9.54
CA GLY A 154 -5.78 -11.89 10.25
C GLY A 154 -6.10 -13.20 9.55
N THR A 155 -7.22 -13.26 8.82
CA THR A 155 -7.56 -14.52 8.13
C THR A 155 -6.60 -14.82 6.97
N TRP A 156 -5.89 -13.82 6.46
CA TRP A 156 -4.91 -14.10 5.41
C TRP A 156 -3.62 -14.64 6.00
N PHE A 157 -3.17 -14.11 7.13
CA PHE A 157 -1.90 -14.50 7.70
C PHE A 157 -1.97 -15.77 8.54
N LEU A 158 -3.08 -16.01 9.24
CA LEU A 158 -3.11 -17.13 10.17
C LEU A 158 -2.97 -18.49 9.49
N PRO A 159 -3.64 -18.79 8.36
CA PRO A 159 -3.43 -20.10 7.72
C PRO A 159 -2.02 -20.29 7.24
N ARG A 160 -1.29 -19.21 6.99
CA ARG A 160 0.11 -19.30 6.57
CA ARG A 160 0.10 -19.34 6.57
C ARG A 160 1.05 -19.55 7.75
N ALA A 161 0.59 -19.35 8.98
CA ALA A 161 1.40 -19.67 10.15
C ALA A 161 1.10 -21.06 10.68
N VAL A 162 -0.15 -21.51 10.64
CA VAL A 162 -0.50 -22.77 11.28
C VAL A 162 -1.18 -23.75 10.35
N GLY A 163 -1.33 -23.43 9.07
CA GLY A 163 -2.09 -24.30 8.20
C GLY A 163 -3.57 -24.00 8.28
N TRP A 164 -4.31 -24.45 7.27
CA TRP A 164 -5.69 -23.99 7.17
C TRP A 164 -6.58 -24.62 8.23
N ALA A 165 -6.41 -25.91 8.52
CA ALA A 165 -7.30 -26.57 9.49
C ALA A 165 -7.17 -25.95 10.89
N ARG A 166 -5.93 -25.66 11.33
CA ARG A 166 -5.74 -25.03 12.64
C ARG A 166 -6.23 -23.58 12.65
N ALA A 167 -6.03 -22.86 11.55
CA ALA A 167 -6.58 -21.51 11.47
C ALA A 167 -8.10 -21.54 11.56
N ALA A 168 -8.73 -22.54 10.93
CA ALA A 168 -10.17 -22.70 11.04
C ALA A 168 -10.57 -22.96 12.49
N GLU A 169 -9.84 -23.87 13.16
CA GLU A 169 -10.16 -24.14 14.55
C GLU A 169 -10.06 -22.87 15.39
N MET A 170 -8.99 -22.11 15.20
CA MET A 170 -8.80 -20.90 16.02
C MET A 170 -9.84 -19.83 15.69
N THR A 171 -10.16 -19.64 14.41
CA THR A 171 -11.07 -18.57 13.99
C THR A 171 -12.53 -18.89 14.25
N LEU A 172 -12.93 -20.16 14.15
CA LEU A 172 -14.32 -20.52 14.28
C LEU A 172 -14.72 -20.82 15.71
N THR A 173 -13.77 -21.20 16.57
CA THR A 173 -14.08 -21.30 17.99
C THR A 173 -13.74 -20.02 18.76
N GLY A 174 -12.72 -19.30 18.32
CA GLY A 174 -12.24 -18.15 19.04
C GLY A 174 -11.48 -18.47 20.30
N ASP A 175 -11.18 -19.74 20.55
CA ASP A 175 -10.65 -20.16 21.84
C ASP A 175 -9.15 -19.89 21.95
N ARG A 176 -8.67 -19.90 23.19
CA ARG A 176 -7.28 -19.62 23.50
C ARG A 176 -6.38 -20.79 23.16
N VAL A 177 -5.19 -20.46 22.66
CA VAL A 177 -4.15 -21.43 22.36
C VAL A 177 -2.96 -21.09 23.24
N ASP A 178 -2.57 -22.02 24.13
CA ASP A 178 -1.48 -21.71 25.05
C ASP A 178 -0.13 -21.86 24.34
N ALA A 179 0.96 -21.58 25.07
CA ALA A 179 2.26 -21.50 24.42
C ALA A 179 2.72 -22.85 23.88
N ALA A 180 2.55 -23.92 24.67
CA ALA A 180 3.00 -25.23 24.21
C ALA A 180 2.22 -25.68 22.98
N THR A 181 0.89 -25.48 22.97
CA THR A 181 0.11 -25.81 21.78
C THR A 181 0.57 -25.00 20.58
N ALA A 182 0.79 -23.69 20.79
CA ALA A 182 1.29 -22.83 19.71
C ALA A 182 2.60 -23.36 19.13
N LEU A 183 3.53 -23.77 19.99
CA LEU A 183 4.77 -24.38 19.50
C LEU A 183 4.46 -25.64 18.71
N SER A 184 3.60 -26.50 19.25
CA SER A 184 3.26 -27.73 18.58
C SER A 184 2.69 -27.48 17.19
N TRP A 185 1.91 -26.41 17.03
CA TRP A 185 1.29 -26.13 15.74
C TRP A 185 2.17 -25.32 14.80
N GLY A 186 3.34 -24.87 15.24
CA GLY A 186 4.17 -24.00 14.42
C GLY A 186 3.79 -22.53 14.44
N LEU A 187 2.85 -22.14 15.32
CA LEU A 187 2.49 -20.74 15.49
C LEU A 187 3.67 -19.92 16.03
N VAL A 188 4.49 -20.51 16.90
CA VAL A 188 5.73 -19.89 17.37
C VAL A 188 6.88 -20.86 17.14
N ASN A 189 8.10 -20.32 17.06
CA ASN A 189 9.29 -21.11 16.77
C ASN A 189 9.98 -21.65 18.02
N GLU A 190 9.81 -20.97 19.16
CA GLU A 190 10.34 -21.50 20.41
CA GLU A 190 10.38 -21.45 20.42
C GLU A 190 9.55 -20.90 21.57
N VAL A 191 9.61 -21.58 22.70
CA VAL A 191 8.91 -21.19 23.92
C VAL A 191 9.92 -21.10 25.03
N LEU A 192 9.95 -19.96 25.71
CA LEU A 192 10.94 -19.67 26.73
C LEU A 192 10.25 -19.34 28.05
N SER A 193 11.00 -19.49 29.13
CA SER A 193 10.53 -18.98 30.40
C SER A 193 10.35 -17.46 30.28
N ASP A 194 9.47 -16.92 31.14
CA ASP A 194 9.18 -15.49 31.05
C ASP A 194 10.44 -14.65 31.13
N ASP A 195 11.43 -15.09 31.93
CA ASP A 195 12.69 -14.37 32.07
C ASP A 195 13.60 -14.53 30.87
N GLU A 196 13.48 -15.61 30.10
CA GLU A 196 14.37 -15.91 29.00
C GLU A 196 13.84 -15.42 27.65
N LEU A 197 12.64 -14.84 27.61
CA LEU A 197 12.01 -14.49 26.32
C LEU A 197 12.80 -13.43 25.58
N LEU A 198 13.03 -12.26 26.21
CA LEU A 198 13.72 -11.20 25.50
C LEU A 198 15.18 -11.54 25.23
N PRO A 199 15.93 -12.13 26.18
CA PRO A 199 17.26 -12.65 25.82
C PRO A 199 17.24 -13.55 24.59
N ALA A 200 16.23 -14.43 24.47
CA ALA A 200 16.14 -15.28 23.30
C ALA A 200 15.82 -14.49 22.04
N ALA A 201 14.98 -13.47 22.16
CA ALA A 201 14.66 -12.66 20.97
C ALA A 201 15.89 -11.92 20.47
N HIS A 202 16.72 -11.43 21.39
CA HIS A 202 17.93 -10.74 20.98
C HIS A 202 18.94 -11.70 20.36
N ARG A 203 19.05 -12.92 20.90
CA ARG A 203 19.92 -13.91 20.27
C ARG A 203 19.47 -14.20 18.84
N LEU A 204 18.16 -14.37 18.64
CA LEU A 204 17.62 -14.59 17.30
C LEU A 204 17.87 -13.38 16.40
N ALA A 205 17.58 -12.18 16.91
CA ALA A 205 17.83 -10.97 16.14
C ALA A 205 19.29 -10.85 15.73
N GLU A 206 20.22 -11.20 16.62
CA GLU A 206 21.64 -11.05 16.29
C GLU A 206 22.09 -12.04 15.21
N ARG A 207 21.45 -13.21 15.13
CA ARG A 207 21.78 -14.16 14.06
C ARG A 207 21.42 -13.58 12.70
N ILE A 208 20.44 -12.67 12.66
CA ILE A 208 20.12 -11.95 11.44
C ILE A 208 21.04 -10.74 11.28
N ALA A 209 21.19 -9.97 12.35
CA ALA A 209 21.88 -8.67 12.28
C ALA A 209 23.36 -8.80 11.98
N LYS A 210 23.94 -9.99 12.17
CA LYS A 210 25.36 -10.17 11.84
C LYS A 210 25.61 -10.04 10.35
N ASN A 211 24.59 -10.20 9.52
CA ASN A 211 24.71 -10.22 8.08
C ASN A 211 24.59 -8.82 7.49
N PRO A 212 25.13 -8.60 6.29
CA PRO A 212 25.08 -7.26 5.67
C PRO A 212 23.66 -6.74 5.61
N ALA A 213 23.46 -5.53 6.12
CA ALA A 213 22.09 -5.01 6.23
C ALA A 213 21.37 -4.96 4.89
N PRO A 214 21.97 -4.48 3.78
CA PRO A 214 21.21 -4.46 2.53
C PRO A 214 20.75 -5.84 2.06
N ALA A 215 21.56 -6.87 2.29
CA ALA A 215 21.16 -8.22 1.86
C ALA A 215 20.01 -8.74 2.70
N VAL A 216 20.01 -8.46 4.01
CA VAL A 216 18.90 -8.87 4.86
C VAL A 216 17.60 -8.28 4.32
N ARG A 217 17.64 -7.02 3.93
CA ARG A 217 16.44 -6.35 3.44
C ARG A 217 16.03 -6.87 2.06
N MET A 218 17.00 -7.13 1.18
CA MET A 218 16.68 -7.71 -0.12
C MET A 218 16.10 -9.11 0.03
N ALA A 219 16.64 -9.89 0.97
CA ALA A 219 16.14 -11.23 1.19
C ALA A 219 14.69 -11.20 1.67
N LYS A 220 14.36 -10.29 2.60
CA LYS A 220 12.98 -10.19 3.04
C LYS A 220 12.06 -9.78 1.88
N ARG A 221 12.50 -8.81 1.06
CA ARG A 221 11.68 -8.42 -0.09
C ARG A 221 11.44 -9.60 -1.03
N LEU A 222 12.45 -10.42 -1.28
CA LEU A 222 12.26 -11.61 -2.11
C LEU A 222 11.30 -12.61 -1.46
N LEU A 223 11.47 -12.85 -0.15
CA LEU A 223 10.56 -13.78 0.52
C LEU A 223 9.12 -13.29 0.46
N LEU A 224 8.91 -11.98 0.63
CA LEU A 224 7.56 -11.42 0.52
C LEU A 224 6.97 -11.68 -0.86
N GLU A 225 7.78 -11.50 -1.90
CA GLU A 225 7.32 -11.77 -3.26
C GLU A 225 6.87 -13.22 -3.41
N SER A 226 7.60 -14.15 -2.81
CA SER A 226 7.32 -15.56 -3.01
C SER A 226 6.00 -16.01 -2.38
N ARG A 227 5.46 -15.26 -1.41
CA ARG A 227 4.19 -15.64 -0.81
CA ARG A 227 4.18 -15.64 -0.81
C ARG A 227 3.08 -15.71 -1.85
N THR A 228 3.12 -14.83 -2.85
CA THR A 228 2.01 -14.74 -3.79
C THR A 228 2.41 -14.98 -5.24
N ALA A 229 3.58 -14.52 -5.65
CA ALA A 229 3.93 -14.52 -7.06
C ALA A 229 4.22 -15.93 -7.56
N SER A 230 4.13 -16.09 -8.88
CA SER A 230 4.50 -17.34 -9.54
C SER A 230 6.00 -17.60 -9.39
N LEU A 231 6.40 -18.82 -9.72
CA LEU A 231 7.83 -19.10 -9.76
C LEU A 231 8.55 -18.19 -10.76
N ASP A 232 7.95 -18.00 -11.94
CA ASP A 232 8.58 -17.15 -12.96
C ASP A 232 8.81 -15.73 -12.45
N SER A 233 7.84 -15.17 -11.72
CA SER A 233 8.02 -13.82 -11.19
C SER A 233 9.15 -13.78 -10.18
N THR A 234 9.25 -14.80 -9.33
CA THR A 234 10.32 -14.84 -8.35
C THR A 234 11.67 -14.99 -9.03
N LEU A 235 11.75 -15.84 -10.06
CA LEU A 235 13.01 -16.01 -10.79
C LEU A 235 13.46 -14.71 -11.46
N ALA A 236 12.53 -13.98 -12.07
CA ALA A 236 12.87 -12.72 -12.69
C ALA A 236 13.34 -11.70 -11.66
N LEU A 237 12.68 -11.62 -10.50
CA LEU A 237 13.09 -10.68 -9.47
C LEU A 237 14.46 -11.05 -8.90
N ALA A 238 14.68 -12.32 -8.59
CA ALA A 238 15.96 -12.76 -8.06
C ALA A 238 17.10 -12.48 -9.03
N ALA A 239 16.88 -12.75 -10.32
CA ALA A 239 17.90 -12.46 -11.32
C ALA A 239 18.19 -10.96 -11.38
N ALA A 240 17.17 -10.12 -11.25
CA ALA A 240 17.37 -8.68 -11.31
C ALA A 240 18.07 -8.15 -10.05
N LEU A 241 17.80 -8.75 -8.89
CA LEU A 241 18.34 -8.21 -7.65
C LEU A 241 19.80 -8.59 -7.46
N GLN A 242 20.21 -9.68 -8.08
CA GLN A 242 21.56 -10.21 -7.91
C GLN A 242 22.51 -9.57 -8.92
N VAL B 4 9.29 26.42 -5.06
CA VAL B 4 8.96 27.67 -5.74
C VAL B 4 7.50 28.08 -5.47
N THR B 5 6.59 27.14 -5.67
CA THR B 5 5.16 27.34 -5.42
C THR B 5 4.59 26.03 -4.91
N ALA B 6 3.35 26.09 -4.43
CA ALA B 6 2.63 24.87 -4.05
C ALA B 6 2.59 23.96 -5.27
N PRO B 7 3.20 22.77 -5.22
CA PRO B 7 3.31 21.94 -6.43
C PRO B 7 2.02 21.33 -6.91
N LEU B 8 0.96 21.31 -6.09
CA LEU B 8 -0.32 20.72 -6.49
C LEU B 8 -1.42 21.63 -5.95
N ARG B 9 -2.00 22.45 -6.82
CA ARG B 9 -3.08 23.35 -6.42
C ARG B 9 -4.39 22.56 -6.34
N ILE B 10 -5.13 22.75 -5.25
CA ILE B 10 -6.36 22.00 -5.03
C ILE B 10 -7.52 22.97 -4.99
N ASP B 11 -8.44 22.82 -5.95
CA ASP B 11 -9.65 23.63 -6.08
C ASP B 11 -10.85 22.72 -5.86
N ARG B 12 -11.88 23.22 -5.18
CA ARG B 12 -13.11 22.45 -5.03
C ARG B 12 -14.29 23.18 -5.65
N ALA B 13 -15.13 22.42 -6.36
CA ALA B 13 -16.39 22.91 -6.92
C ALA B 13 -17.46 21.86 -6.61
N GLY B 14 -18.13 22.00 -5.49
CA GLY B 14 -19.15 21.04 -5.08
C GLY B 14 -18.52 19.73 -4.65
N ARG B 15 -18.84 18.64 -5.35
CA ARG B 15 -18.25 17.34 -5.06
C ARG B 15 -17.05 17.03 -5.96
N VAL B 16 -16.57 17.99 -6.73
CA VAL B 16 -15.47 17.78 -7.66
C VAL B 16 -14.29 18.63 -7.20
N GLN B 17 -13.15 17.97 -7.01
CA GLN B 17 -11.90 18.67 -6.75
C GLN B 17 -11.04 18.64 -8.01
N THR B 18 -10.36 19.75 -8.27
CA THR B 18 -9.37 19.79 -9.33
C THR B 18 -8.00 19.89 -8.70
N TRP B 19 -7.10 19.00 -9.11
CA TRP B 19 -5.69 19.02 -8.70
C TRP B 19 -4.88 19.46 -9.91
N THR B 20 -4.18 20.59 -9.78
CA THR B 20 -3.39 21.13 -10.88
C THR B 20 -1.91 20.99 -10.51
N ILE B 21 -1.19 20.16 -11.28
CA ILE B 21 0.25 20.04 -11.11
C ILE B 21 0.89 21.37 -11.44
N ASP B 22 1.71 21.89 -10.52
CA ASP B 22 2.28 23.24 -10.72
C ASP B 22 3.75 23.24 -10.29
N VAL B 23 4.62 22.71 -11.15
CA VAL B 23 6.06 22.74 -10.92
C VAL B 23 6.70 23.49 -12.09
N PRO B 24 6.61 24.83 -12.10
CA PRO B 24 6.97 25.57 -13.32
C PRO B 24 8.45 25.58 -13.64
N ASP B 25 9.32 25.35 -12.66
CA ASP B 25 10.75 25.33 -12.95
C ASP B 25 11.23 23.98 -13.48
N ALA B 26 10.33 22.99 -13.62
CA ALA B 26 10.67 21.68 -14.13
C ALA B 26 9.54 21.10 -14.99
N ALA B 27 8.76 21.95 -15.66
CA ALA B 27 7.76 21.53 -16.62
C ALA B 27 6.81 20.48 -16.04
N ASN B 28 6.35 20.76 -14.81
CA ASN B 28 5.34 19.97 -14.11
C ASN B 28 5.81 18.53 -13.86
N ALA B 29 7.12 18.35 -13.69
CA ALA B 29 7.65 17.06 -13.29
C ALA B 29 7.06 16.64 -11.95
N ILE B 30 6.81 15.34 -11.80
CA ILE B 30 6.18 14.80 -10.60
C ILE B 30 7.16 13.97 -9.77
N THR B 31 8.43 13.99 -10.12
CA THR B 31 9.40 13.14 -9.44
C THR B 31 10.06 13.83 -8.25
N GLY B 32 9.76 15.10 -8.00
CA GLY B 32 10.34 15.79 -6.86
C GLY B 32 9.62 15.45 -5.57
N SER B 33 10.38 15.41 -4.47
CA SER B 33 9.81 14.96 -3.20
C SER B 33 8.70 15.90 -2.71
N ASP B 34 8.79 17.20 -3.01
CA ASP B 34 7.69 18.10 -2.64
C ASP B 34 6.39 17.70 -3.32
N PHE B 35 6.43 17.44 -4.63
CA PHE B 35 5.20 17.05 -5.31
C PHE B 35 4.68 15.73 -4.76
N ILE B 36 5.55 14.75 -4.59
CA ILE B 36 5.11 13.44 -4.12
C ILE B 36 4.42 13.56 -2.76
N ASP B 37 5.00 14.34 -1.85
CA ASP B 37 4.37 14.57 -0.55
C ASP B 37 2.99 15.20 -0.69
N ALA B 38 2.85 16.19 -1.58
CA ALA B 38 1.56 16.84 -1.77
C ALA B 38 0.54 15.89 -2.38
N PHE B 39 0.98 15.03 -3.29
CA PHE B 39 0.08 14.06 -3.91
C PHE B 39 -0.41 13.06 -2.88
N ASP B 40 0.49 12.55 -2.04
CA ASP B 40 0.09 11.73 -0.89
C ASP B 40 -0.98 12.44 -0.07
N ALA B 41 -0.72 13.70 0.32
CA ALA B 41 -1.64 14.42 1.18
C ALA B 41 -2.99 14.64 0.50
N ALA B 42 -2.99 14.97 -0.80
CA ALA B 42 -4.24 15.21 -1.51
C ALA B 42 -5.10 13.96 -1.57
N VAL B 43 -4.48 12.80 -1.84
CA VAL B 43 -5.23 11.55 -1.85
C VAL B 43 -5.83 11.28 -0.48
N ASP B 44 -5.02 11.42 0.58
CA ASP B 44 -5.52 11.14 1.91
C ASP B 44 -6.64 12.11 2.30
N ALA B 45 -6.53 13.38 1.89
CA ALA B 45 -7.57 14.35 2.23
C ALA B 45 -8.84 14.10 1.45
N ALA B 46 -8.71 13.69 0.19
CA ALA B 46 -9.90 13.40 -0.61
C ALA B 46 -10.61 12.15 -0.09
N ASN B 47 -9.86 11.12 0.30
CA ASN B 47 -10.47 9.95 0.92
C ASN B 47 -11.23 10.32 2.19
N ALA B 48 -10.68 11.24 2.99
CA ALA B 48 -11.27 11.56 4.27
C ALA B 48 -12.50 12.43 4.14
N ASP B 49 -12.61 13.21 3.07
CA ASP B 49 -13.74 14.12 2.88
C ASP B 49 -14.81 13.41 2.07
N THR B 50 -15.77 12.80 2.77
CA THR B 50 -16.81 12.03 2.08
C THR B 50 -17.71 12.88 1.19
N ASP B 51 -17.62 14.21 1.27
CA ASP B 51 -18.35 15.04 0.32
C ASP B 51 -17.74 14.97 -1.08
N ILE B 52 -16.44 14.66 -1.20
CA ILE B 52 -15.77 14.60 -2.49
C ILE B 52 -16.08 13.30 -3.21
N SER B 53 -16.39 13.39 -4.50
CA SER B 53 -16.74 12.23 -5.30
C SER B 53 -15.92 12.04 -6.56
N VAL B 54 -15.26 13.09 -7.06
CA VAL B 54 -14.48 13.02 -8.30
C VAL B 54 -13.29 13.96 -8.15
N VAL B 55 -12.14 13.54 -8.70
CA VAL B 55 -10.95 14.38 -8.85
C VAL B 55 -10.66 14.53 -10.34
N ILE B 56 -10.43 15.77 -10.77
CA ILE B 56 -9.89 16.07 -12.09
C ILE B 56 -8.41 16.42 -11.91
N LEU B 57 -7.53 15.67 -12.57
CA LEU B 57 -6.08 15.90 -12.48
C LEU B 57 -5.59 16.51 -13.79
N THR B 58 -4.90 17.65 -13.69
CA THR B 58 -4.48 18.36 -14.88
C THR B 58 -3.20 19.13 -14.55
N GLY B 59 -2.59 19.74 -15.57
CA GLY B 59 -1.33 20.46 -15.40
C GLY B 59 -1.50 21.94 -15.66
N ALA B 60 -0.76 22.77 -14.91
CA ALA B 60 -0.73 24.20 -15.16
C ALA B 60 0.12 24.51 -16.38
N GLY B 61 -0.36 25.43 -17.22
CA GLY B 61 0.43 25.89 -18.34
C GLY B 61 0.40 24.95 -19.52
N ARG B 62 1.54 24.86 -20.22
CA ARG B 62 1.64 24.15 -21.48
C ARG B 62 1.77 22.64 -21.33
N PHE B 63 2.23 22.16 -20.18
CA PHE B 63 2.53 20.76 -19.96
C PHE B 63 1.46 20.15 -19.06
N PHE B 64 1.16 18.86 -19.31
CA PHE B 64 0.52 18.07 -18.26
C PHE B 64 1.56 17.68 -17.22
N SER B 65 2.57 16.91 -17.65
CA SER B 65 3.74 16.64 -16.82
C SER B 65 4.86 16.16 -17.73
N ALA B 66 6.00 16.88 -17.75
CA ALA B 66 7.20 16.40 -18.45
C ALA B 66 7.86 15.26 -17.74
N GLY B 67 7.23 14.71 -16.70
CA GLY B 67 7.75 13.58 -15.94
C GLY B 67 8.86 13.89 -14.94
N GLY B 68 10.09 14.10 -15.41
CA GLY B 68 11.22 14.41 -14.55
C GLY B 68 12.22 13.27 -14.46
N ASN B 69 13.19 13.44 -13.57
CA ASN B 69 14.26 12.45 -13.37
C ASN B 69 14.05 11.65 -12.07
N SER B 93 10.17 2.61 -3.10
CA SER B 93 10.97 3.54 -3.91
C SER B 93 10.19 4.85 -4.10
N GLY B 94 10.92 5.96 -4.26
CA GLY B 94 10.30 7.28 -4.22
C GLY B 94 9.33 7.56 -5.35
N ILE B 95 9.74 7.27 -6.60
CA ILE B 95 8.85 7.44 -7.74
C ILE B 95 7.65 6.50 -7.70
N GLN B 96 7.65 5.53 -6.80
CA GLN B 96 6.55 4.57 -6.72
C GLN B 96 5.51 4.95 -5.69
N ARG B 97 5.73 6.04 -4.93
CA ARG B 97 4.72 6.51 -3.99
C ARG B 97 3.48 7.03 -4.71
N VAL B 98 3.66 7.68 -5.86
CA VAL B 98 2.51 8.18 -6.62
C VAL B 98 1.60 7.05 -7.10
N PRO B 99 2.09 5.99 -7.76
CA PRO B 99 1.20 4.88 -8.11
C PRO B 99 0.49 4.29 -6.91
N ARG B 100 1.21 4.14 -5.79
CA ARG B 100 0.60 3.56 -4.61
C ARG B 100 -0.46 4.49 -4.03
N ALA B 101 -0.25 5.80 -4.14
CA ALA B 101 -1.27 6.74 -3.68
C ALA B 101 -2.55 6.61 -4.50
N LEU B 102 -2.42 6.51 -5.83
CA LEU B 102 -3.61 6.37 -6.66
C LEU B 102 -4.30 5.05 -6.38
N GLN B 103 -3.53 4.03 -5.99
CA GLN B 103 -4.11 2.74 -5.65
C GLN B 103 -4.98 2.81 -4.41
N ARG B 104 -4.66 3.70 -3.47
CA ARG B 104 -5.48 3.84 -2.29
C ARG B 104 -6.48 4.99 -2.40
N CYS B 105 -6.48 5.71 -3.53
CA CYS B 105 -7.47 6.77 -3.73
C CYS B 105 -8.84 6.18 -3.99
N GLU B 106 -9.79 6.52 -3.12
CA GLU B 106 -11.14 5.96 -3.20
C GLU B 106 -12.03 6.67 -4.20
N VAL B 107 -11.66 7.86 -4.65
CA VAL B 107 -12.54 8.57 -5.57
C VAL B 107 -12.02 8.41 -6.99
N PRO B 108 -12.90 8.37 -7.99
CA PRO B 108 -12.45 8.34 -9.38
C PRO B 108 -11.62 9.56 -9.73
N VAL B 109 -10.61 9.34 -10.58
CA VAL B 109 -9.69 10.38 -11.03
C VAL B 109 -9.76 10.47 -12.55
N ILE B 110 -10.07 11.67 -13.06
CA ILE B 110 -10.08 11.95 -14.49
C ILE B 110 -8.80 12.71 -14.82
N ALA B 111 -7.97 12.16 -15.72
CA ALA B 111 -6.80 12.90 -16.21
C ALA B 111 -7.23 13.80 -17.36
N ALA B 112 -7.11 15.11 -17.18
CA ALA B 112 -7.38 16.07 -18.24
C ALA B 112 -6.01 16.49 -18.81
N VAL B 113 -5.57 15.78 -19.83
CA VAL B 113 -4.20 15.90 -20.32
C VAL B 113 -4.16 17.11 -21.25
N ASN B 114 -3.61 18.22 -20.75
CA ASN B 114 -3.63 19.50 -21.45
C ASN B 114 -2.41 19.71 -22.34
N GLY B 115 -1.42 18.84 -22.27
CA GLY B 115 -0.21 19.03 -23.06
C GLY B 115 0.67 17.82 -22.94
N ALA B 116 1.98 18.00 -23.14
CA ALA B 116 2.92 16.90 -23.06
C ALA B 116 2.79 16.10 -21.77
N ALA B 117 2.68 14.79 -21.91
CA ALA B 117 2.71 13.84 -20.80
C ALA B 117 3.83 12.86 -21.15
N ILE B 118 4.99 13.04 -20.52
CA ILE B 118 6.23 12.38 -20.92
C ILE B 118 6.77 11.61 -19.73
N GLY B 119 7.25 10.40 -19.98
CA GLY B 119 7.90 9.67 -18.91
C GLY B 119 6.96 9.40 -17.76
N ALA B 120 7.38 9.79 -16.56
CA ALA B 120 6.53 9.62 -15.38
C ALA B 120 5.18 10.31 -15.57
N GLY B 121 5.15 11.42 -16.33
CA GLY B 121 3.88 12.10 -16.59
C GLY B 121 2.95 11.28 -17.46
N CYS B 122 3.51 10.58 -18.44
CA CYS B 122 2.71 9.66 -19.24
C CYS B 122 2.09 8.59 -18.35
N ASP B 123 2.91 7.99 -17.47
CA ASP B 123 2.42 6.90 -16.63
C ASP B 123 1.37 7.39 -15.64
N LEU B 124 1.54 8.59 -15.09
CA LEU B 124 0.54 9.16 -14.20
C LEU B 124 -0.83 9.25 -14.88
N ALA B 125 -0.88 9.79 -16.11
CA ALA B 125 -2.16 9.88 -16.81
C ALA B 125 -2.77 8.50 -16.99
N VAL B 126 -1.95 7.52 -17.33
CA VAL B 126 -2.41 6.16 -17.57
C VAL B 126 -2.86 5.48 -16.27
N MET B 127 -2.36 5.93 -15.12
CA MET B 127 -2.81 5.38 -13.84
C MET B 127 -4.16 5.92 -13.40
N CYS B 128 -4.63 7.01 -14.01
CA CYS B 128 -5.94 7.57 -13.71
C CYS B 128 -7.05 6.71 -14.30
N ASP B 129 -8.29 6.91 -13.82
CA ASP B 129 -9.38 6.02 -14.22
C ASP B 129 -9.86 6.31 -15.64
N LEU B 130 -9.89 7.57 -16.02
CA LEU B 130 -10.40 8.04 -17.30
C LEU B 130 -9.42 9.09 -17.81
N ARG B 131 -9.19 9.12 -19.12
CA ARG B 131 -8.37 10.15 -19.73
C ARG B 131 -9.14 10.86 -20.84
N ILE B 132 -9.04 12.18 -20.85
CA ILE B 132 -9.41 13.00 -22.00
C ILE B 132 -8.24 13.94 -22.25
N ALA B 133 -8.14 14.46 -23.48
CA ALA B 133 -6.95 15.20 -23.89
C ALA B 133 -7.31 16.40 -24.73
N ALA B 134 -6.47 17.43 -24.60
CA ALA B 134 -6.46 18.57 -25.51
C ALA B 134 -5.80 18.18 -26.83
N GLU B 135 -6.16 18.90 -27.90
CA GLU B 135 -5.58 18.63 -29.21
CA GLU B 135 -5.59 18.68 -29.22
C GLU B 135 -4.07 18.79 -29.21
N SER B 136 -3.50 19.58 -28.30
CA SER B 136 -2.05 19.76 -28.26
C SER B 136 -1.38 18.76 -27.34
N ALA B 137 -2.13 17.86 -26.71
CA ALA B 137 -1.51 16.88 -25.85
C ALA B 137 -0.79 15.81 -26.68
N PHE B 138 0.20 15.17 -26.04
CA PHE B 138 0.80 13.97 -26.58
C PHE B 138 1.39 13.16 -25.44
N PHE B 139 1.64 11.89 -25.72
CA PHE B 139 2.12 10.94 -24.74
C PHE B 139 3.42 10.32 -25.22
N ALA B 140 4.33 10.06 -24.29
CA ALA B 140 5.58 9.39 -24.65
C ALA B 140 6.04 8.58 -23.45
N GLU B 141 6.09 7.26 -23.64
CA GLU B 141 6.75 6.34 -22.73
C GLU B 141 8.24 6.36 -23.06
N SER B 142 8.87 7.49 -22.72
CA SER B 142 10.17 7.87 -23.30
C SER B 142 11.37 7.15 -22.67
N PHE B 143 11.14 6.37 -21.60
CA PHE B 143 12.25 5.87 -20.78
C PHE B 143 13.32 5.16 -21.61
N VAL B 144 12.89 4.27 -22.51
CA VAL B 144 13.83 3.42 -23.26
C VAL B 144 14.82 4.25 -24.07
N GLN B 145 14.41 5.44 -24.53
CA GLN B 145 15.30 6.29 -25.32
C GLN B 145 16.46 6.84 -24.51
N LEU B 146 16.36 6.82 -23.19
CA LEU B 146 17.41 7.27 -22.31
C LEU B 146 18.11 6.09 -21.62
N GLY B 147 17.89 4.87 -22.10
CA GLY B 147 18.46 3.71 -21.46
C GLY B 147 17.78 3.29 -20.17
N LEU B 148 16.54 3.70 -19.93
CA LEU B 148 15.85 3.44 -18.68
C LEU B 148 14.62 2.60 -18.97
N ILE B 149 13.99 2.08 -17.91
CA ILE B 149 12.68 1.43 -18.03
C ILE B 149 11.70 2.24 -17.20
N PRO B 150 10.37 2.05 -17.36
CA PRO B 150 9.42 2.79 -16.51
C PRO B 150 9.47 2.27 -15.07
N GLY B 151 10.17 3.01 -14.20
CA GLY B 151 10.36 2.52 -12.85
C GLY B 151 9.15 2.67 -11.94
N ASP B 152 8.07 3.26 -12.43
CA ASP B 152 6.92 3.62 -11.61
C ASP B 152 5.70 2.74 -11.86
N GLY B 153 5.84 1.62 -12.56
CA GLY B 153 4.70 0.77 -12.82
C GLY B 153 3.94 1.05 -14.10
N GLY B 154 4.45 1.95 -14.94
CA GLY B 154 3.81 2.25 -16.20
C GLY B 154 3.60 1.04 -17.09
N THR B 155 4.51 0.06 -17.01
CA THR B 155 4.33 -1.13 -17.85
C THR B 155 3.14 -1.98 -17.40
N TRP B 156 2.68 -1.84 -16.16
CA TRP B 156 1.50 -2.57 -15.73
C TRP B 156 0.22 -1.90 -16.22
N PHE B 157 0.17 -0.56 -16.16
CA PHE B 157 -1.03 0.18 -16.50
C PHE B 157 -1.21 0.38 -18.01
N LEU B 158 -0.12 0.57 -18.76
CA LEU B 158 -0.27 0.94 -20.16
C LEU B 158 -0.95 -0.14 -20.98
N PRO B 159 -0.63 -1.44 -20.85
CA PRO B 159 -1.36 -2.43 -21.66
C PRO B 159 -2.83 -2.46 -21.33
N ARG B 160 -3.20 -2.14 -20.09
CA ARG B 160 -4.62 -2.13 -19.74
CA ARG B 160 -4.60 -2.11 -19.71
C ARG B 160 -5.34 -0.92 -20.29
N ALA B 161 -4.61 0.07 -20.81
CA ALA B 161 -5.21 1.22 -21.48
C ALA B 161 -5.27 1.05 -23.00
N VAL B 162 -4.25 0.47 -23.61
CA VAL B 162 -4.16 0.44 -25.07
C VAL B 162 -3.97 -0.95 -25.63
N GLY B 163 -3.96 -1.99 -24.81
CA GLY B 163 -3.70 -3.33 -25.29
C GLY B 163 -2.21 -3.60 -25.34
N TRP B 164 -1.86 -4.89 -25.35
CA TRP B 164 -0.46 -5.26 -25.16
CA TRP B 164 -0.46 -5.27 -25.17
C TRP B 164 0.41 -4.88 -26.36
N ALA B 165 -0.11 -4.95 -27.58
CA ALA B 165 0.72 -4.65 -28.75
C ALA B 165 1.06 -3.17 -28.83
N ARG B 166 0.08 -2.30 -28.62
CA ARG B 166 0.36 -0.86 -28.63
C ARG B 166 1.23 -0.46 -27.44
N ALA B 167 1.05 -1.11 -26.29
CA ALA B 167 1.91 -0.78 -25.16
C ALA B 167 3.36 -1.17 -25.46
N ALA B 168 3.56 -2.30 -26.14
CA ALA B 168 4.89 -2.70 -26.57
C ALA B 168 5.47 -1.68 -27.53
N GLU B 169 4.67 -1.25 -28.52
CA GLU B 169 5.14 -0.24 -29.45
C GLU B 169 5.56 1.03 -28.72
N MET B 170 4.73 1.53 -27.80
CA MET B 170 5.08 2.76 -27.10
C MET B 170 6.29 2.57 -26.21
N THR B 171 6.38 1.44 -25.52
CA THR B 171 7.44 1.25 -24.54
C THR B 171 8.77 0.91 -25.20
N LEU B 172 8.74 0.17 -26.30
CA LEU B 172 9.98 -0.28 -26.92
C LEU B 172 10.55 0.72 -27.92
N THR B 173 9.71 1.58 -28.49
CA THR B 173 10.24 2.67 -29.32
C THR B 173 10.44 3.94 -28.51
N GLY B 174 9.59 4.19 -27.52
CA GLY B 174 9.59 5.43 -26.79
C GLY B 174 9.05 6.62 -27.53
N ASP B 175 8.47 6.40 -28.72
CA ASP B 175 8.12 7.52 -29.57
C ASP B 175 6.85 8.22 -29.09
N ARG B 176 6.67 9.45 -29.53
CA ARG B 176 5.52 10.26 -29.10
C ARG B 176 4.26 9.81 -29.83
N VAL B 177 3.15 9.83 -29.10
CA VAL B 177 1.82 9.48 -29.61
C VAL B 177 0.96 10.74 -29.49
N ASP B 178 0.49 11.27 -30.63
CA ASP B 178 -0.25 12.52 -30.58
C ASP B 178 -1.69 12.25 -30.12
N ALA B 179 -2.48 13.32 -29.98
CA ALA B 179 -3.81 13.18 -29.39
C ALA B 179 -4.73 12.33 -30.26
N ALA B 180 -4.68 12.55 -31.58
CA ALA B 180 -5.55 11.80 -32.47
C ALA B 180 -5.23 10.32 -32.44
N THR B 181 -3.93 9.98 -32.46
CA THR B 181 -3.55 8.58 -32.36
C THR B 181 -3.95 8.00 -31.02
N ALA B 182 -3.74 8.77 -29.94
CA ALA B 182 -4.16 8.35 -28.61
C ALA B 182 -5.65 8.05 -28.58
N LEU B 183 -6.46 8.91 -29.20
CA LEU B 183 -7.90 8.66 -29.28
C LEU B 183 -8.17 7.36 -30.02
N SER B 184 -7.54 7.20 -31.19
CA SER B 184 -7.73 6.01 -32.02
C SER B 184 -7.39 4.73 -31.26
N TRP B 185 -6.38 4.78 -30.40
CA TRP B 185 -5.96 3.61 -29.65
C TRP B 185 -6.74 3.39 -28.36
N GLY B 186 -7.60 4.33 -27.98
CA GLY B 186 -8.27 4.21 -26.70
C GLY B 186 -7.44 4.65 -25.52
N LEU B 187 -6.28 5.27 -25.77
CA LEU B 187 -5.52 5.84 -24.66
C LEU B 187 -6.31 6.96 -23.97
N VAL B 188 -7.08 7.73 -24.75
CA VAL B 188 -8.00 8.73 -24.22
C VAL B 188 -9.38 8.49 -24.82
N ASN B 189 -10.40 8.98 -24.11
CA ASN B 189 -11.80 8.80 -24.50
C ASN B 189 -12.32 9.93 -25.39
N GLU B 190 -11.73 11.12 -25.30
CA GLU B 190 -12.13 12.19 -26.20
CA GLU B 190 -12.17 12.24 -26.13
C GLU B 190 -11.01 13.21 -26.29
N VAL B 191 -10.97 13.90 -27.43
CA VAL B 191 -9.99 14.93 -27.70
C VAL B 191 -10.74 16.24 -27.90
N LEU B 192 -10.35 17.26 -27.15
CA LEU B 192 -11.03 18.54 -27.17
C LEU B 192 -10.05 19.64 -27.56
N SER B 193 -10.58 20.74 -28.08
CA SER B 193 -9.75 21.90 -28.28
C SER B 193 -9.19 22.34 -26.93
N ASP B 194 -8.06 23.06 -26.98
CA ASP B 194 -7.39 23.46 -25.75
C ASP B 194 -8.35 24.21 -24.80
N ASP B 195 -9.24 25.03 -25.35
CA ASP B 195 -10.20 25.79 -24.57
C ASP B 195 -11.35 24.95 -24.02
N GLU B 196 -11.66 23.81 -24.65
CA GLU B 196 -12.79 22.97 -24.25
C GLU B 196 -12.40 21.83 -23.32
N LEU B 197 -11.11 21.66 -23.01
CA LEU B 197 -10.68 20.50 -22.24
C LEU B 197 -11.27 20.50 -20.83
N LEU B 198 -11.03 21.57 -20.06
CA LEU B 198 -11.50 21.62 -18.68
C LEU B 198 -13.03 21.67 -18.61
N PRO B 199 -13.74 22.46 -19.44
CA PRO B 199 -15.21 22.30 -19.52
C PRO B 199 -15.65 20.87 -19.77
N ALA B 200 -14.96 20.14 -20.65
CA ALA B 200 -15.34 18.75 -20.89
C ALA B 200 -15.03 17.87 -19.68
N ALA B 201 -13.91 18.14 -19.01
CA ALA B 201 -13.56 17.35 -17.83
C ALA B 201 -14.61 17.54 -16.73
N HIS B 202 -15.10 18.77 -16.58
CA HIS B 202 -16.14 19.02 -15.58
C HIS B 202 -17.48 18.40 -15.98
N ARG B 203 -17.83 18.42 -17.27
CA ARG B 203 -19.05 17.73 -17.67
C ARG B 203 -18.97 16.24 -17.34
N LEU B 204 -17.84 15.62 -17.67
CA LEU B 204 -17.64 14.21 -17.36
C LEU B 204 -17.67 13.96 -15.85
N ALA B 205 -16.96 14.80 -15.07
CA ALA B 205 -16.98 14.68 -13.61
C ALA B 205 -18.39 14.79 -13.05
N GLU B 206 -19.20 15.72 -13.59
CA GLU B 206 -20.57 15.90 -13.10
C GLU B 206 -21.47 14.71 -13.41
N ARG B 207 -21.19 13.97 -14.50
CA ARG B 207 -21.97 12.76 -14.77
C ARG B 207 -21.72 11.70 -13.70
N ILE B 208 -20.56 11.73 -13.05
CA ILE B 208 -20.28 10.88 -11.90
C ILE B 208 -20.80 11.50 -10.61
N ALA B 209 -20.48 12.77 -10.38
CA ALA B 209 -20.73 13.41 -9.10
C ALA B 209 -22.22 13.57 -8.80
N LYS B 210 -23.09 13.47 -9.81
CA LYS B 210 -24.54 13.54 -9.56
C LYS B 210 -25.05 12.37 -8.74
N ASN B 211 -24.30 11.24 -8.70
CA ASN B 211 -24.74 10.00 -8.08
C ASN B 211 -24.40 9.99 -6.59
N PRO B 212 -25.10 9.18 -5.80
CA PRO B 212 -24.83 9.15 -4.35
C PRO B 212 -23.36 8.87 -4.07
N ALA B 213 -22.76 9.74 -3.25
CA ALA B 213 -21.32 9.66 -3.02
C ALA B 213 -20.85 8.31 -2.48
N PRO B 214 -21.50 7.67 -1.51
CA PRO B 214 -21.00 6.36 -1.07
C PRO B 214 -21.03 5.30 -2.15
N ALA B 215 -22.03 5.32 -3.03
CA ALA B 215 -22.11 4.30 -4.08
C ALA B 215 -21.00 4.49 -5.13
N VAL B 216 -20.68 5.75 -5.46
CA VAL B 216 -19.57 6.00 -6.38
C VAL B 216 -18.27 5.39 -5.85
N ARG B 217 -18.01 5.54 -4.55
CA ARG B 217 -16.76 5.03 -3.99
C ARG B 217 -16.78 3.51 -3.90
N MET B 218 -17.91 2.92 -3.55
CA MET B 218 -18.02 1.47 -3.51
C MET B 218 -17.84 0.88 -4.90
N ALA B 219 -18.43 1.51 -5.92
CA ALA B 219 -18.28 1.04 -7.28
C ALA B 219 -16.82 1.08 -7.72
N LYS B 220 -16.10 2.16 -7.40
CA LYS B 220 -14.69 2.22 -7.78
C LYS B 220 -13.89 1.14 -7.06
N ARG B 221 -14.19 0.90 -5.78
CA ARG B 221 -13.54 -0.18 -5.04
C ARG B 221 -13.81 -1.53 -5.70
N LEU B 222 -15.03 -1.74 -6.17
CA LEU B 222 -15.35 -2.96 -6.89
C LEU B 222 -14.60 -3.03 -8.21
N LEU B 223 -14.55 -1.91 -8.95
CA LEU B 223 -13.79 -1.90 -10.22
C LEU B 223 -12.32 -2.20 -9.99
N LEU B 224 -11.73 -1.63 -8.92
CA LEU B 224 -10.33 -1.93 -8.61
C LEU B 224 -10.13 -3.42 -8.34
N GLU B 225 -11.04 -4.03 -7.60
CA GLU B 225 -10.93 -5.45 -7.30
C GLU B 225 -10.96 -6.30 -8.57
N SER B 226 -11.74 -5.89 -9.56
CA SER B 226 -11.92 -6.71 -10.74
CA SER B 226 -11.92 -6.68 -10.77
C SER B 226 -10.68 -6.76 -11.64
N ARG B 227 -9.78 -5.78 -11.54
CA ARG B 227 -8.59 -5.80 -12.39
C ARG B 227 -7.74 -7.04 -12.16
N THR B 228 -7.74 -7.57 -10.95
CA THR B 228 -6.85 -8.70 -10.65
C THR B 228 -7.56 -9.90 -10.09
N ALA B 229 -8.57 -9.70 -9.25
CA ALA B 229 -9.15 -10.80 -8.49
C ALA B 229 -9.95 -11.74 -9.40
N SER B 230 -10.17 -12.95 -8.89
CA SER B 230 -11.01 -13.91 -9.57
C SER B 230 -12.45 -13.42 -9.63
N LEU B 231 -13.27 -14.09 -10.43
CA LEU B 231 -14.69 -13.79 -10.40
C LEU B 231 -15.26 -14.02 -9.00
N ASP B 232 -14.86 -15.12 -8.35
CA ASP B 232 -15.38 -15.45 -7.04
C ASP B 232 -15.09 -14.35 -6.02
N SER B 233 -13.90 -13.76 -6.09
CA SER B 233 -13.55 -12.68 -5.18
C SER B 233 -14.43 -11.46 -5.40
N THR B 234 -14.71 -11.12 -6.66
CA THR B 234 -15.56 -9.98 -6.94
C THR B 234 -16.99 -10.24 -6.47
N LEU B 235 -17.48 -11.46 -6.67
CA LEU B 235 -18.82 -11.80 -6.21
C LEU B 235 -18.92 -11.69 -4.68
N ALA B 236 -17.91 -12.15 -3.97
CA ALA B 236 -17.91 -12.06 -2.51
C ALA B 236 -17.89 -10.61 -2.04
N LEU B 237 -17.05 -9.78 -2.67
CA LEU B 237 -16.97 -8.37 -2.27
C LEU B 237 -18.25 -7.64 -2.60
N ALA B 238 -18.78 -7.83 -3.81
CA ALA B 238 -20.02 -7.18 -4.19
C ALA B 238 -21.15 -7.53 -3.21
N ALA B 239 -21.24 -8.81 -2.83
CA ALA B 239 -22.25 -9.22 -1.86
C ALA B 239 -22.03 -8.54 -0.51
N ALA B 240 -20.78 -8.41 -0.10
CA ALA B 240 -20.49 -7.78 1.18
C ALA B 240 -20.70 -6.27 1.16
N LEU B 241 -20.49 -5.62 0.01
CA LEU B 241 -20.55 -4.17 -0.07
C LEU B 241 -21.95 -3.60 -0.22
N GLN B 242 -22.92 -4.39 -0.69
CA GLN B 242 -24.18 -3.80 -1.11
C GLN B 242 -24.87 -3.05 0.02
N PRO B 243 -24.82 -3.50 1.29
CA PRO B 243 -25.13 -2.53 2.37
C PRO B 243 -24.02 -1.49 2.53
#